data_1IIJ
#
_entry.id   1IIJ
#
_cell.length_a   1
_cell.length_b   1
_cell.length_c   1
_cell.angle_alpha   90
_cell.angle_beta   90
_cell.angle_gamma   90
#
_entity_poly.entity_id   1
_entity_poly.type   'polypeptide(L)'
_entity_poly.pdbx_seq_one_letter_code
;EQRASPVTFIIATVVGVLLFLILVVVVGILIKRRR
;
_entity_poly.pdbx_strand_id   A
#
# COMPACT_ATOMS: atom_id res chain seq x y z
N GLU A 1 -5.97 -2.22 -15.12
CA GLU A 1 -4.94 -3.27 -14.86
C GLU A 1 -3.94 -3.53 -16.03
N GLN A 2 -4.37 -3.67 -17.29
CA GLN A 2 -3.47 -3.95 -18.45
C GLN A 2 -2.41 -2.83 -18.76
N ARG A 3 -2.80 -1.56 -18.87
CA ARG A 3 -1.85 -0.41 -18.84
C ARG A 3 -1.35 0.01 -17.41
N ALA A 4 -2.22 0.02 -16.37
CA ALA A 4 -1.83 0.43 -14.99
C ALA A 4 -0.73 -0.40 -14.25
N SER A 5 -0.70 -1.75 -14.37
CA SER A 5 0.42 -2.59 -13.85
C SER A 5 1.85 -2.33 -14.47
N PRO A 6 2.15 -2.38 -15.81
CA PRO A 6 3.47 -1.94 -16.36
C PRO A 6 3.87 -0.43 -16.15
N VAL A 7 2.93 0.53 -16.23
CA VAL A 7 3.17 1.94 -15.78
C VAL A 7 3.53 2.09 -14.25
N THR A 8 2.83 1.41 -13.32
CA THR A 8 3.26 1.29 -11.89
C THR A 8 4.68 0.64 -11.67
N PHE A 9 5.01 -0.46 -12.37
CA PHE A 9 6.41 -0.99 -12.46
C PHE A 9 7.50 0.01 -13.00
N ILE A 10 7.23 0.77 -14.08
CA ILE A 10 8.11 1.90 -14.53
C ILE A 10 8.28 3.05 -13.45
N ILE A 11 7.20 3.53 -12.82
CA ILE A 11 7.26 4.48 -11.65
C ILE A 11 8.11 3.93 -10.44
N ALA A 12 7.84 2.72 -9.94
CA ALA A 12 8.73 2.01 -8.97
C ALA A 12 10.23 1.78 -9.38
N THR A 13 10.49 1.41 -10.65
CA THR A 13 11.88 1.28 -11.20
C THR A 13 12.69 2.62 -11.24
N VAL A 14 12.15 3.74 -11.78
CA VAL A 14 12.83 5.07 -11.76
C VAL A 14 13.14 5.67 -10.33
N VAL A 15 12.21 5.60 -9.36
CA VAL A 15 12.54 5.94 -7.93
C VAL A 15 13.56 4.99 -7.22
N GLY A 16 13.48 3.65 -7.41
CA GLY A 16 14.56 2.70 -7.00
C GLY A 16 15.98 2.90 -7.59
N VAL A 17 16.10 3.11 -8.91
CA VAL A 17 17.38 3.55 -9.56
C VAL A 17 17.90 4.95 -9.06
N LEU A 18 17.06 5.99 -8.96
CA LEU A 18 17.41 7.29 -8.30
C LEU A 18 17.89 7.20 -6.80
N LEU A 19 17.19 6.47 -5.93
CA LEU A 19 17.69 6.10 -4.57
C LEU A 19 19.03 5.27 -4.54
N PHE A 20 19.21 4.26 -5.42
CA PHE A 20 20.52 3.57 -5.59
C PHE A 20 21.73 4.47 -6.04
N LEU A 21 21.60 5.29 -7.11
CA LEU A 21 22.66 6.25 -7.51
C LEU A 21 23.02 7.39 -6.47
N ILE A 22 22.04 7.95 -5.75
CA ILE A 22 22.31 8.92 -4.62
C ILE A 22 22.88 8.20 -3.35
N LEU A 23 22.14 7.24 -2.75
CA LEU A 23 22.50 6.62 -1.44
C LEU A 23 23.62 5.52 -1.48
N VAL A 24 23.58 4.57 -2.45
CA VAL A 24 24.64 3.52 -2.59
C VAL A 24 25.89 4.05 -3.38
N VAL A 25 25.73 4.58 -4.61
CA VAL A 25 26.88 5.03 -5.47
C VAL A 25 27.57 6.35 -4.96
N VAL A 26 26.85 7.48 -4.79
CA VAL A 26 27.47 8.77 -4.34
C VAL A 26 27.87 8.74 -2.81
N VAL A 27 26.93 8.67 -1.84
CA VAL A 27 27.28 8.55 -0.39
C VAL A 27 27.53 7.07 0.10
N GLY A 28 28.51 6.41 -0.54
CA GLY A 28 28.86 4.99 -0.24
C GLY A 28 30.13 4.54 -0.98
N ILE A 29 30.03 4.23 -2.28
CA ILE A 29 31.22 3.93 -3.15
C ILE A 29 32.11 5.22 -3.41
N LEU A 30 31.54 6.34 -3.89
CA LEU A 30 32.31 7.59 -4.16
C LEU A 30 32.87 8.33 -2.89
N ILE A 31 32.13 8.42 -1.76
CA ILE A 31 32.71 8.80 -0.42
C ILE A 31 33.85 7.85 0.11
N LYS A 32 33.78 6.52 -0.06
CA LYS A 32 34.95 5.61 0.12
C LYS A 32 36.19 5.90 -0.82
N ARG A 33 36.00 6.20 -2.11
CA ARG A 33 37.05 6.80 -2.98
C ARG A 33 37.63 8.20 -2.52
N ARG A 34 36.76 9.15 -2.12
CA ARG A 34 37.17 10.51 -1.64
C ARG A 34 37.58 10.54 -0.13
N ARG A 35 38.71 9.91 0.23
CA ARG A 35 39.19 9.82 1.65
C ARG A 35 40.67 10.28 1.82
N GLU A 1 -8.90 -4.31 -18.09
CA GLU A 1 -8.38 -3.81 -16.79
C GLU A 1 -7.28 -2.72 -17.01
N GLN A 2 -7.68 -1.44 -17.09
CA GLN A 2 -6.72 -0.30 -17.30
C GLN A 2 -5.69 -0.07 -16.13
N ARG A 3 -6.13 -0.04 -14.86
CA ARG A 3 -5.22 -0.08 -13.68
C ARG A 3 -4.75 -1.55 -13.37
N ALA A 4 -3.81 -2.08 -14.17
CA ALA A 4 -3.56 -3.55 -14.25
C ALA A 4 -2.89 -4.23 -13.01
N SER A 5 -1.67 -3.81 -12.61
CA SER A 5 -0.93 -4.44 -11.47
C SER A 5 -1.60 -4.34 -10.04
N PRO A 6 -1.96 -3.18 -9.42
CA PRO A 6 -2.63 -3.15 -8.09
C PRO A 6 -4.09 -3.70 -8.00
N VAL A 7 -4.95 -3.56 -9.03
CA VAL A 7 -6.25 -4.31 -9.12
C VAL A 7 -6.08 -5.88 -9.22
N THR A 8 -5.15 -6.39 -10.04
CA THR A 8 -4.74 -7.84 -10.00
C THR A 8 -4.21 -8.34 -8.61
N PHE A 9 -3.35 -7.58 -7.91
CA PHE A 9 -3.02 -7.82 -6.48
C PHE A 9 -4.23 -7.82 -5.47
N ILE A 10 -5.18 -6.87 -5.56
CA ILE A 10 -6.48 -6.91 -4.80
C ILE A 10 -7.36 -8.19 -5.11
N ILE A 11 -7.56 -8.56 -6.39
CA ILE A 11 -8.20 -9.87 -6.80
C ILE A 11 -7.48 -11.14 -6.20
N ALA A 12 -6.15 -11.30 -6.39
CA ALA A 12 -5.35 -12.33 -5.69
C ALA A 12 -5.37 -12.33 -4.11
N THR A 13 -5.34 -11.15 -3.47
CA THR A 13 -5.50 -11.01 -1.98
C THR A 13 -6.89 -11.48 -1.43
N VAL A 14 -8.03 -11.03 -1.99
CA VAL A 14 -9.38 -11.52 -1.57
C VAL A 14 -9.66 -13.06 -1.75
N VAL A 15 -9.27 -13.70 -2.89
CA VAL A 15 -9.29 -15.20 -3.02
C VAL A 15 -8.30 -15.96 -2.07
N GLY A 16 -7.05 -15.49 -1.87
CA GLY A 16 -6.14 -16.00 -0.81
C GLY A 16 -6.62 -15.93 0.67
N VAL A 17 -7.16 -14.79 1.11
CA VAL A 17 -7.88 -14.66 2.43
C VAL A 17 -9.15 -15.59 2.53
N LEU A 18 -10.06 -15.61 1.53
CA LEU A 18 -11.19 -16.58 1.46
C LEU A 18 -10.82 -18.11 1.56
N LEU A 19 -9.81 -18.58 0.81
CA LEU A 19 -9.18 -19.92 1.02
C LEU A 19 -8.51 -20.13 2.43
N PHE A 20 -7.79 -19.15 2.98
CA PHE A 20 -7.18 -19.25 4.34
C PHE A 20 -8.20 -19.38 5.53
N LEU A 21 -9.19 -18.49 5.72
CA LEU A 21 -10.19 -18.66 6.83
C LEU A 21 -11.12 -19.92 6.75
N ILE A 22 -11.62 -20.30 5.57
CA ILE A 22 -12.45 -21.53 5.38
C ILE A 22 -11.60 -22.85 5.44
N LEU A 23 -10.60 -23.04 4.56
CA LEU A 23 -9.80 -24.30 4.48
C LEU A 23 -8.70 -24.45 5.59
N VAL A 24 -7.86 -23.43 5.84
CA VAL A 24 -6.78 -23.50 6.88
C VAL A 24 -7.35 -23.30 8.34
N VAL A 25 -8.06 -22.20 8.66
CA VAL A 25 -8.52 -21.91 10.06
C VAL A 25 -9.75 -22.78 10.53
N VAL A 26 -10.87 -22.79 9.79
CA VAL A 26 -12.14 -23.50 10.20
C VAL A 26 -12.05 -25.07 10.14
N VAL A 27 -11.52 -25.71 9.08
CA VAL A 27 -11.39 -27.20 9.01
C VAL A 27 -9.94 -27.75 9.33
N GLY A 28 -8.86 -27.21 8.74
CA GLY A 28 -7.46 -27.71 8.95
C GLY A 28 -6.87 -27.60 10.38
N ILE A 29 -6.76 -26.38 10.91
CA ILE A 29 -6.35 -26.13 12.33
C ILE A 29 -7.37 -26.70 13.40
N LEU A 30 -8.69 -26.82 13.13
CA LEU A 30 -9.65 -27.54 14.02
C LEU A 30 -9.28 -29.00 14.48
N ILE A 31 -8.65 -29.82 13.61
CA ILE A 31 -8.06 -31.15 14.02
C ILE A 31 -6.94 -31.06 15.13
N LYS A 32 -6.01 -30.09 15.06
CA LYS A 32 -5.10 -29.74 16.20
C LYS A 32 -5.76 -28.99 17.42
N ARG A 33 -6.68 -28.04 17.18
CA ARG A 33 -7.41 -27.29 18.25
C ARG A 33 -8.37 -28.17 19.14
N ARG A 34 -9.29 -28.95 18.54
CA ARG A 34 -10.10 -29.96 19.28
C ARG A 34 -9.59 -31.41 18.93
N ARG A 35 -8.46 -31.81 19.53
CA ARG A 35 -7.74 -33.05 19.15
C ARG A 35 -8.16 -34.26 20.03
N GLU A 1 -2.45 -2.76 -11.11
CA GLU A 1 -2.28 -1.35 -11.56
C GLU A 1 -3.19 -1.02 -12.79
N GLN A 2 -2.84 -1.47 -14.01
CA GLN A 2 -3.62 -1.14 -15.25
C GLN A 2 -4.98 -1.92 -15.38
N ARG A 3 -4.93 -3.26 -15.50
CA ARG A 3 -6.13 -4.11 -15.22
C ARG A 3 -6.07 -4.59 -13.73
N ALA A 4 -6.70 -3.85 -12.81
CA ALA A 4 -6.43 -3.98 -11.34
C ALA A 4 -7.05 -5.20 -10.57
N SER A 5 -6.80 -6.40 -11.08
CA SER A 5 -6.98 -7.70 -10.37
C SER A 5 -5.87 -8.70 -10.85
N PRO A 6 -5.74 -9.18 -12.13
CA PRO A 6 -4.54 -9.95 -12.59
C PRO A 6 -3.17 -9.17 -12.63
N VAL A 7 -3.13 -7.92 -13.12
CA VAL A 7 -1.91 -7.03 -13.02
C VAL A 7 -1.51 -6.68 -11.54
N THR A 8 -2.46 -6.33 -10.65
CA THR A 8 -2.23 -6.23 -9.19
C THR A 8 -1.69 -7.55 -8.50
N PHE A 9 -2.27 -8.74 -8.79
CA PHE A 9 -1.70 -10.05 -8.39
C PHE A 9 -0.23 -10.34 -8.88
N ILE A 10 0.11 -10.12 -10.17
CA ILE A 10 1.52 -10.26 -10.67
C ILE A 10 2.54 -9.23 -10.04
N ILE A 11 2.18 -7.93 -9.87
CA ILE A 11 2.99 -6.95 -9.08
C ILE A 11 3.21 -7.39 -7.58
N ALA A 12 2.15 -7.74 -6.82
CA ALA A 12 2.28 -8.41 -5.49
C ALA A 12 3.09 -9.75 -5.42
N THR A 13 2.96 -10.66 -6.41
CA THR A 13 3.77 -11.90 -6.53
C THR A 13 5.31 -11.66 -6.74
N VAL A 14 5.75 -10.80 -7.69
CA VAL A 14 7.19 -10.46 -7.87
C VAL A 14 7.88 -9.75 -6.65
N VAL A 15 7.26 -8.77 -5.97
CA VAL A 15 7.77 -8.23 -4.67
C VAL A 15 7.78 -9.25 -3.47
N GLY A 16 6.73 -10.09 -3.29
CA GLY A 16 6.75 -11.25 -2.35
C GLY A 16 7.84 -12.34 -2.57
N VAL A 17 8.02 -12.82 -3.81
CA VAL A 17 9.19 -13.69 -4.19
C VAL A 17 10.60 -13.00 -3.98
N LEU A 18 10.80 -11.75 -4.41
CA LEU A 18 12.03 -10.95 -4.11
C LEU A 18 12.35 -10.73 -2.58
N LEU A 19 11.38 -10.30 -1.76
CA LEU A 19 11.50 -10.32 -0.27
C LEU A 19 11.71 -11.72 0.40
N PHE A 20 11.09 -12.81 -0.11
CA PHE A 20 11.44 -14.21 0.28
C PHE A 20 12.92 -14.63 -0.01
N LEU A 21 13.43 -14.54 -1.26
CA LEU A 21 14.85 -14.85 -1.58
C LEU A 21 15.97 -13.96 -0.92
N ILE A 22 15.73 -12.65 -0.73
CA ILE A 22 16.66 -11.74 0.03
C ILE A 22 16.57 -11.98 1.58
N LEU A 23 15.39 -11.85 2.21
CA LEU A 23 15.23 -11.87 3.69
C LEU A 23 14.92 -13.29 4.27
N VAL A 24 13.80 -13.93 3.90
CA VAL A 24 13.35 -15.24 4.50
C VAL A 24 14.27 -16.47 4.20
N VAL A 25 14.83 -16.61 2.98
CA VAL A 25 15.90 -17.63 2.68
C VAL A 25 17.25 -17.40 3.46
N VAL A 26 17.79 -16.16 3.53
CA VAL A 26 19.02 -15.86 4.32
C VAL A 26 18.77 -15.93 5.88
N VAL A 27 17.92 -15.07 6.47
CA VAL A 27 17.52 -15.17 7.91
C VAL A 27 16.24 -16.07 8.11
N GLY A 28 16.40 -17.39 7.93
CA GLY A 28 15.29 -18.36 8.06
C GLY A 28 15.63 -19.78 7.57
N ILE A 29 15.56 -20.03 6.26
CA ILE A 29 15.92 -21.36 5.65
C ILE A 29 17.46 -21.69 5.82
N LEU A 30 18.38 -20.82 5.39
CA LEU A 30 19.85 -20.97 5.68
C LEU A 30 20.27 -21.08 7.20
N ILE A 31 19.59 -20.36 8.12
CA ILE A 31 19.76 -20.55 9.60
C ILE A 31 19.32 -21.97 10.12
N LYS A 32 18.11 -22.47 9.78
CA LYS A 32 17.72 -23.89 10.07
C LYS A 32 18.51 -25.01 9.30
N ARG A 33 19.01 -24.76 8.07
CA ARG A 33 20.05 -25.60 7.41
C ARG A 33 21.42 -25.70 8.17
N ARG A 34 22.02 -24.58 8.59
CA ARG A 34 23.25 -24.55 9.44
C ARG A 34 22.91 -24.61 10.98
N ARG A 35 22.43 -25.77 11.46
CA ARG A 35 21.83 -25.88 12.82
C ARG A 35 22.27 -27.22 13.48
N GLU A 1 -2.97 -0.11 -14.19
CA GLU A 1 -2.41 0.30 -15.52
C GLU A 1 -3.52 0.63 -16.57
N GLN A 2 -4.46 -0.29 -16.86
CA GLN A 2 -5.59 -0.05 -17.81
C GLN A 2 -6.66 0.97 -17.28
N ARG A 3 -7.35 0.67 -16.15
CA ARG A 3 -8.33 1.61 -15.53
C ARG A 3 -7.62 2.67 -14.61
N ALA A 4 -6.90 3.63 -15.22
CA ALA A 4 -5.96 4.51 -14.46
C ALA A 4 -6.62 5.72 -13.69
N SER A 5 -7.40 6.59 -14.37
CA SER A 5 -8.03 7.78 -13.73
C SER A 5 -9.06 7.52 -12.55
N PRO A 6 -10.15 6.69 -12.63
CA PRO A 6 -11.02 6.40 -11.45
C PRO A 6 -10.39 5.58 -10.27
N VAL A 7 -9.48 4.62 -10.53
CA VAL A 7 -8.60 4.02 -9.46
C VAL A 7 -7.65 5.07 -8.76
N THR A 8 -6.97 5.96 -9.50
CA THR A 8 -6.24 7.14 -8.93
C THR A 8 -7.14 8.11 -8.06
N PHE A 9 -8.35 8.47 -8.52
CA PHE A 9 -9.39 9.15 -7.68
C PHE A 9 -9.82 8.38 -6.38
N ILE A 10 -10.07 7.05 -6.42
CA ILE A 10 -10.28 6.20 -5.20
C ILE A 10 -9.05 6.19 -4.21
N ILE A 11 -7.80 6.01 -4.70
CA ILE A 11 -6.55 6.19 -3.88
C ILE A 11 -6.42 7.61 -3.21
N ALA A 12 -6.54 8.71 -3.97
CA ALA A 12 -6.66 10.08 -3.40
C ALA A 12 -7.86 10.36 -2.40
N THR A 13 -9.06 9.82 -2.67
CA THR A 13 -10.23 9.89 -1.74
C THR A 13 -10.02 9.16 -0.37
N VAL A 14 -9.57 7.88 -0.34
CA VAL A 14 -9.25 7.17 0.94
C VAL A 14 -8.12 7.80 1.84
N VAL A 15 -6.99 8.28 1.28
CA VAL A 15 -6.00 9.11 2.05
C VAL A 15 -6.54 10.51 2.55
N GLY A 16 -7.30 11.27 1.73
CA GLY A 16 -8.05 12.46 2.20
C GLY A 16 -9.09 12.28 3.33
N VAL A 17 -9.95 11.25 3.25
CA VAL A 17 -10.83 10.81 4.40
C VAL A 17 -10.02 10.36 5.67
N LEU A 18 -9.00 9.49 5.55
CA LEU A 18 -8.07 9.14 6.66
C LEU A 18 -7.35 10.33 7.39
N LEU A 19 -6.77 11.28 6.64
CA LEU A 19 -6.32 12.60 7.19
C LEU A 19 -7.45 13.49 7.83
N PHE A 20 -8.66 13.57 7.24
CA PHE A 20 -9.81 14.31 7.84
C PHE A 20 -10.34 13.76 9.21
N LEU A 21 -10.77 12.49 9.34
CA LEU A 21 -11.26 11.96 10.66
C LEU A 21 -10.21 11.89 11.82
N ILE A 22 -8.94 11.51 11.55
CA ILE A 22 -7.85 11.49 12.58
C ILE A 22 -7.33 12.94 12.90
N LEU A 23 -6.76 13.68 11.93
CA LEU A 23 -6.10 14.99 12.19
C LEU A 23 -7.05 16.23 12.26
N VAL A 24 -8.03 16.39 11.35
CA VAL A 24 -9.01 17.52 11.41
C VAL A 24 -10.09 17.32 12.55
N VAL A 25 -10.82 16.19 12.57
CA VAL A 25 -11.89 15.93 13.58
C VAL A 25 -11.34 15.56 15.01
N VAL A 26 -10.56 14.49 15.17
CA VAL A 26 -10.11 14.00 16.52
C VAL A 26 -8.96 14.90 17.12
N VAL A 27 -7.71 14.82 16.65
CA VAL A 27 -6.59 15.69 17.17
C VAL A 27 -6.54 17.11 16.49
N GLY A 28 -7.62 17.88 16.65
CA GLY A 28 -7.82 19.17 15.96
C GLY A 28 -9.07 19.90 16.48
N ILE A 29 -10.26 19.55 15.98
CA ILE A 29 -11.57 20.10 16.49
C ILE A 29 -11.93 19.55 17.92
N LEU A 30 -11.99 18.22 18.13
CA LEU A 30 -12.28 17.61 19.47
C LEU A 30 -11.22 17.91 20.60
N ILE A 31 -9.90 17.82 20.34
CA ILE A 31 -8.85 18.28 21.31
C ILE A 31 -8.81 19.82 21.60
N LYS A 32 -9.10 20.72 20.64
CA LYS A 32 -9.41 22.16 20.95
C LYS A 32 -10.69 22.42 21.84
N ARG A 33 -11.79 21.67 21.63
CA ARG A 33 -12.96 21.66 22.55
C ARG A 33 -12.70 21.02 23.96
N ARG A 34 -12.20 19.77 24.04
CA ARG A 34 -11.86 19.08 25.30
C ARG A 34 -10.47 18.37 25.16
N ARG A 35 -9.40 18.99 25.67
CA ARG A 35 -8.02 18.46 25.58
C ARG A 35 -7.66 17.26 26.50
N GLU A 1 -7.69 -3.24 -15.89
CA GLU A 1 -6.97 -1.99 -16.24
C GLU A 1 -5.94 -1.63 -15.11
N GLN A 2 -4.65 -1.91 -15.34
CA GLN A 2 -3.57 -1.71 -14.30
C GLN A 2 -3.38 -0.26 -13.73
N ARG A 3 -3.38 0.80 -14.57
CA ARG A 3 -3.36 2.21 -14.10
C ARG A 3 -4.69 2.76 -13.45
N ALA A 4 -5.88 2.21 -13.76
CA ALA A 4 -7.16 2.62 -13.11
C ALA A 4 -7.30 2.44 -11.56
N SER A 5 -6.86 1.30 -10.98
CA SER A 5 -6.80 1.10 -9.51
C SER A 5 -5.90 2.11 -8.69
N PRO A 6 -4.58 2.36 -8.93
CA PRO A 6 -3.83 3.45 -8.24
C PRO A 6 -4.32 4.93 -8.47
N VAL A 7 -4.76 5.31 -9.69
CA VAL A 7 -5.49 6.60 -9.94
C VAL A 7 -6.85 6.73 -9.14
N THR A 8 -7.71 5.70 -9.10
CA THR A 8 -8.90 5.65 -8.17
C THR A 8 -8.54 5.77 -6.64
N PHE A 9 -7.51 5.07 -6.13
CA PHE A 9 -6.92 5.33 -4.78
C PHE A 9 -6.40 6.79 -4.51
N ILE A 10 -5.68 7.43 -5.45
CA ILE A 10 -5.33 8.89 -5.39
C ILE A 10 -6.58 9.84 -5.35
N ILE A 11 -7.59 9.65 -6.22
CA ILE A 11 -8.91 10.36 -6.15
C ILE A 11 -9.66 10.18 -4.77
N ALA A 12 -9.87 8.94 -4.29
CA ALA A 12 -10.34 8.68 -2.90
C ALA A 12 -9.49 9.26 -1.70
N THR A 13 -8.15 9.22 -1.79
CA THR A 13 -7.23 9.86 -0.79
C THR A 13 -7.35 11.42 -0.71
N VAL A 14 -7.29 12.16 -1.84
CA VAL A 14 -7.49 13.65 -1.84
C VAL A 14 -8.89 14.16 -1.32
N VAL A 15 -10.03 13.55 -1.70
CA VAL A 15 -11.35 13.84 -1.06
C VAL A 15 -11.47 13.45 0.47
N GLY A 16 -10.95 12.27 0.89
CA GLY A 16 -10.78 11.94 2.34
C GLY A 16 -9.93 12.90 3.22
N VAL A 17 -8.73 13.30 2.75
CA VAL A 17 -7.93 14.41 3.37
C VAL A 17 -8.66 15.80 3.39
N LEU A 18 -9.26 16.26 2.27
CA LEU A 18 -10.13 17.48 2.22
C LEU A 18 -11.34 17.50 3.22
N LEU A 19 -12.13 16.42 3.31
CA LEU A 19 -13.12 16.20 4.41
C LEU A 19 -12.53 16.15 5.86
N PHE A 20 -11.37 15.49 6.09
CA PHE A 20 -10.68 15.48 7.40
C PHE A 20 -10.19 16.87 7.94
N LEU A 21 -9.33 17.62 7.23
CA LEU A 21 -8.86 18.96 7.73
C LEU A 21 -9.95 20.08 7.88
N ILE A 22 -10.93 20.18 6.97
CA ILE A 22 -12.06 21.15 7.08
C ILE A 22 -13.13 20.69 8.14
N LEU A 23 -13.80 19.53 7.95
CA LEU A 23 -14.93 19.10 8.81
C LEU A 23 -14.54 18.40 10.16
N VAL A 24 -13.59 17.45 10.16
CA VAL A 24 -13.11 16.78 11.42
C VAL A 24 -12.20 17.71 12.29
N VAL A 25 -11.13 18.32 11.73
CA VAL A 25 -10.19 19.19 12.49
C VAL A 25 -10.77 20.63 12.74
N VAL A 26 -10.99 21.46 11.71
CA VAL A 26 -11.37 22.90 11.89
C VAL A 26 -12.81 23.11 12.50
N VAL A 27 -13.91 22.67 11.86
CA VAL A 27 -15.28 22.72 12.49
C VAL A 27 -15.64 21.42 13.30
N GLY A 28 -14.78 21.02 14.26
CA GLY A 28 -14.98 19.79 15.07
C GLY A 28 -14.01 19.72 16.27
N ILE A 29 -12.86 19.06 16.10
CA ILE A 29 -11.80 18.93 17.17
C ILE A 29 -11.22 20.30 17.69
N LEU A 30 -10.87 21.24 16.81
CA LEU A 30 -10.57 22.66 17.19
C LEU A 30 -11.73 23.44 17.94
N ILE A 31 -13.01 23.20 17.63
CA ILE A 31 -14.17 23.76 18.41
C ILE A 31 -14.32 23.12 19.85
N LYS A 32 -14.22 21.78 20.01
CA LYS A 32 -14.14 21.14 21.36
C LYS A 32 -12.86 21.52 22.21
N ARG A 33 -11.65 21.57 21.61
CA ARG A 33 -10.43 22.12 22.26
C ARG A 33 -10.42 23.68 22.55
N ARG A 34 -10.99 24.51 21.67
CA ARG A 34 -11.03 26.00 21.83
C ARG A 34 -12.46 26.53 21.44
N ARG A 35 -13.39 26.61 22.42
CA ARG A 35 -14.77 27.12 22.20
C ARG A 35 -14.95 28.64 22.50
#